data_7C28
#
_entry.id   7C28
#
_cell.length_a   52.439
_cell.length_b   55.982
_cell.length_c   102.818
_cell.angle_alpha   90.000
_cell.angle_beta   90.000
_cell.angle_gamma   90.000
#
_symmetry.space_group_name_H-M   'I 2 2 2'
#
loop_
_entity.id
_entity.type
_entity.pdbx_description
1 polymer 'Synergistic-type venom protein S2C4'
2 non-polymer 'SULFATE ION'
3 water water
#
_entity_poly.entity_id   1
_entity_poly.type   'polypeptide(L)'
_entity_poly.pdbx_seq_one_letter_code
;LTCVTDKSFGGVITEECAAGQKICFKNWKKMGPKLYDVKRGCTATCPKADDNGCVKCCNTDKCNK
;
_entity_poly.pdbx_strand_id   A,B
#
# COMPACT_ATOMS: atom_id res chain seq x y z
N LEU A 1 -19.06 -10.28 6.91
CA LEU A 1 -18.30 -9.28 6.17
C LEU A 1 -18.16 -9.68 4.72
N THR A 2 -18.23 -8.69 3.83
CA THR A 2 -18.06 -8.88 2.40
C THR A 2 -16.84 -8.10 1.93
N CYS A 3 -15.97 -8.77 1.19
CA CYS A 3 -14.73 -8.18 0.69
C CYS A 3 -14.62 -8.41 -0.82
N VAL A 4 -13.99 -7.46 -1.51
CA VAL A 4 -13.65 -7.67 -2.91
C VAL A 4 -12.56 -8.74 -3.00
N THR A 5 -12.66 -9.59 -4.03
CA THR A 5 -11.70 -10.69 -4.23
C THR A 5 -10.92 -10.60 -5.53
N ASP A 6 -11.50 -10.02 -6.57
CA ASP A 6 -10.80 -9.84 -7.83
C ASP A 6 -11.36 -8.60 -8.52
N LYS A 7 -10.54 -8.00 -9.37
CA LYS A 7 -10.90 -6.78 -10.07
C LYS A 7 -10.14 -6.74 -11.39
N SER A 8 -10.88 -6.70 -12.50
CA SER A 8 -10.25 -6.76 -13.81
C SER A 8 -11.16 -6.14 -14.86
N PHE A 9 -10.63 -5.16 -15.59
CA PHE A 9 -11.30 -4.57 -16.75
C PHE A 9 -12.67 -4.00 -16.40
N GLY A 10 -12.78 -3.39 -15.21
CA GLY A 10 -13.98 -2.73 -14.77
C GLY A 10 -14.95 -3.59 -13.98
N GLY A 11 -14.73 -4.89 -13.94
CA GLY A 11 -15.61 -5.80 -13.20
C GLY A 11 -14.91 -6.31 -11.96
N VAL A 12 -15.67 -6.39 -10.86
CA VAL A 12 -15.15 -6.90 -9.59
C VAL A 12 -15.99 -8.09 -9.16
N ILE A 13 -15.38 -8.95 -8.35
CA ILE A 13 -16.08 -10.05 -7.72
C ILE A 13 -15.93 -9.89 -6.22
N THR A 14 -16.94 -10.34 -5.46
CA THR A 14 -16.92 -10.28 -4.02
C THR A 14 -17.35 -11.62 -3.45
N GLU A 15 -17.26 -11.73 -2.13
CA GLU A 15 -17.55 -12.98 -1.45
C GLU A 15 -17.80 -12.67 0.01
N GLU A 16 -18.42 -13.62 0.70
CA GLU A 16 -18.68 -13.50 2.12
C GLU A 16 -17.62 -14.28 2.88
N CYS A 17 -17.01 -13.65 3.87
CA CYS A 17 -15.88 -14.23 4.59
C CYS A 17 -16.38 -15.26 5.59
N ALA A 18 -15.51 -16.24 5.89
CA ALA A 18 -15.80 -17.20 6.93
C ALA A 18 -15.96 -16.50 8.28
N ALA A 19 -16.46 -17.25 9.26
CA ALA A 19 -16.80 -16.68 10.56
C ALA A 19 -15.63 -15.93 11.17
N GLY A 20 -14.44 -16.53 11.14
CA GLY A 20 -13.27 -15.95 11.77
C GLY A 20 -12.44 -15.02 10.93
N GLN A 21 -12.91 -14.65 9.72
CA GLN A 21 -12.21 -13.71 8.85
C GLN A 21 -12.91 -12.38 8.98
N LYS A 22 -12.32 -11.44 9.72
CA LYS A 22 -12.98 -10.18 10.04
C LYS A 22 -12.28 -8.96 9.45
N ILE A 23 -11.43 -9.15 8.43
CA ILE A 23 -10.68 -8.06 7.81
C ILE A 23 -10.69 -8.26 6.30
N CYS A 24 -10.80 -7.18 5.55
CA CYS A 24 -10.50 -7.18 4.11
C CYS A 24 -9.09 -6.62 3.92
N PHE A 25 -8.41 -7.07 2.85
CA PHE A 25 -7.05 -6.63 2.58
C PHE A 25 -6.87 -6.24 1.13
N LYS A 26 -5.92 -5.33 0.92
CA LYS A 26 -5.31 -5.05 -0.38
C LYS A 26 -3.81 -5.27 -0.27
N ASN A 27 -3.21 -5.91 -1.28
CA ASN A 27 -1.78 -6.22 -1.26
C ASN A 27 -1.16 -5.85 -2.60
N TRP A 28 -0.25 -4.87 -2.59
CA TRP A 28 0.43 -4.41 -3.80
C TRP A 28 1.66 -5.28 -4.03
N LYS A 29 1.62 -6.11 -5.06
CA LYS A 29 2.78 -6.92 -5.46
C LYS A 29 3.31 -6.41 -6.79
N LYS A 30 4.64 -6.23 -6.85
CA LYS A 30 5.27 -5.52 -7.97
C LYS A 30 5.49 -6.44 -9.16
N MET A 31 5.03 -6.00 -10.33
CA MET A 31 5.25 -6.69 -11.59
C MET A 31 6.26 -6.01 -12.49
N GLY A 32 6.47 -4.70 -12.34
CA GLY A 32 7.42 -3.95 -13.10
C GLY A 32 7.43 -2.51 -12.62
N PRO A 33 8.23 -1.64 -13.25
CA PRO A 33 8.26 -0.23 -12.83
C PRO A 33 6.88 0.39 -12.90
N LYS A 34 6.39 0.86 -11.74
CA LYS A 34 5.10 1.51 -11.58
C LYS A 34 3.93 0.58 -11.85
N LEU A 35 4.16 -0.71 -11.99
CA LEU A 35 3.14 -1.68 -12.39
C LEU A 35 2.92 -2.67 -11.24
N TYR A 36 1.72 -2.64 -10.67
CA TYR A 36 1.40 -3.43 -9.48
C TYR A 36 0.09 -4.19 -9.67
N ASP A 37 0.10 -5.46 -9.27
CA ASP A 37 -1.09 -6.27 -9.17
C ASP A 37 -1.58 -6.24 -7.73
N VAL A 38 -2.81 -5.77 -7.51
CA VAL A 38 -3.35 -5.60 -6.17
C VAL A 38 -4.21 -6.82 -5.85
N LYS A 39 -3.77 -7.64 -4.90
CA LYS A 39 -4.56 -8.77 -4.45
C LYS A 39 -5.55 -8.32 -3.40
N ARG A 40 -6.77 -8.86 -3.47
CA ARG A 40 -7.85 -8.47 -2.57
C ARG A 40 -8.59 -9.72 -2.09
N GLY A 41 -9.03 -9.70 -0.84
CA GLY A 41 -9.84 -10.79 -0.33
C GLY A 41 -10.04 -10.66 1.18
N CYS A 42 -10.63 -11.71 1.74
CA CYS A 42 -10.83 -11.86 3.18
C CYS A 42 -9.57 -12.37 3.87
N THR A 43 -9.47 -12.10 5.16
CA THR A 43 -8.38 -12.63 5.97
C THR A 43 -8.73 -12.46 7.44
N ALA A 44 -8.05 -13.24 8.28
CA ALA A 44 -8.21 -13.16 9.73
C ALA A 44 -7.13 -12.33 10.39
N THR A 45 -5.93 -12.31 9.84
CA THR A 45 -4.83 -11.50 10.31
C THR A 45 -4.29 -10.70 9.13
N CYS A 46 -4.03 -9.42 9.36
CA CYS A 46 -3.55 -8.56 8.28
C CYS A 46 -2.18 -9.04 7.83
N PRO A 47 -1.96 -9.28 6.54
CA PRO A 47 -0.68 -9.82 6.10
C PRO A 47 0.41 -8.77 6.07
N LYS A 48 1.64 -9.24 6.27
CA LYS A 48 2.82 -8.42 6.08
C LYS A 48 3.09 -8.25 4.59
N ALA A 49 3.55 -7.07 4.20
CA ALA A 49 3.75 -6.77 2.79
C ALA A 49 5.14 -7.22 2.35
N ASP A 50 5.27 -7.51 1.05
CA ASP A 50 6.58 -7.78 0.48
C ASP A 50 7.47 -6.57 0.67
N ASP A 51 8.78 -6.81 0.75
CA ASP A 51 9.73 -5.72 0.95
C ASP A 51 9.50 -4.58 -0.02
N ASN A 52 9.09 -4.89 -1.25
CA ASN A 52 8.85 -3.90 -2.29
C ASN A 52 7.37 -3.57 -2.47
N GLY A 53 6.53 -3.91 -1.48
CA GLY A 53 5.10 -3.73 -1.60
C GLY A 53 4.42 -2.85 -0.56
N CYS A 54 3.12 -3.04 -0.40
CA CYS A 54 2.33 -2.29 0.57
C CYS A 54 1.02 -3.03 0.80
N VAL A 55 0.47 -2.90 2.02
CA VAL A 55 -0.76 -3.58 2.40
C VAL A 55 -1.68 -2.58 3.07
N LYS A 56 -2.97 -2.65 2.76
CA LYS A 56 -3.99 -1.87 3.46
C LYS A 56 -5.05 -2.82 3.97
N CYS A 57 -5.41 -2.68 5.25
CA CYS A 57 -6.40 -3.55 5.88
C CYS A 57 -7.50 -2.72 6.51
N CYS A 58 -8.75 -3.17 6.32
CA CYS A 58 -9.94 -2.46 6.77
C CYS A 58 -10.98 -3.51 7.15
N ASN A 59 -12.02 -3.08 7.86
CA ASN A 59 -13.02 -4.05 8.34
C ASN A 59 -14.44 -3.52 8.20
N THR A 60 -14.77 -2.94 7.04
CA THR A 60 -16.17 -2.71 6.67
C THR A 60 -16.42 -3.25 5.28
N ASP A 61 -17.70 -3.37 4.93
CA ASP A 61 -18.10 -4.08 3.72
C ASP A 61 -17.52 -3.41 2.49
N LYS A 62 -16.78 -4.20 1.69
CA LYS A 62 -16.13 -3.76 0.46
C LYS A 62 -15.27 -2.51 0.65
N CYS A 63 -14.78 -2.29 1.86
CA CYS A 63 -13.73 -1.30 2.09
C CYS A 63 -12.53 -1.45 1.14
N ASN A 64 -12.23 -2.67 0.69
CA ASN A 64 -10.99 -2.93 -0.05
C ASN A 64 -11.17 -2.80 -1.56
N LYS A 65 -11.98 -1.85 -2.03
CA LYS A 65 -12.21 -1.65 -3.47
C LYS A 65 -10.94 -1.47 -4.29
N LEU B 1 19.43 10.92 8.98
CA LEU B 1 18.67 9.95 8.20
C LEU B 1 18.83 10.20 6.70
N THR B 2 18.93 9.11 5.94
CA THR B 2 19.05 9.16 4.49
C THR B 2 17.86 8.44 3.88
N CYS B 3 17.19 9.08 2.92
CA CYS B 3 16.03 8.51 2.27
C CYS B 3 16.21 8.53 0.76
N VAL B 4 15.63 7.53 0.10
CA VAL B 4 15.59 7.50 -1.36
C VAL B 4 14.68 8.61 -1.86
N THR B 5 15.05 9.20 -3.01
CA THR B 5 14.28 10.27 -3.62
C THR B 5 13.77 9.95 -5.02
N ASP B 6 14.46 9.10 -5.78
CA ASP B 6 14.02 8.75 -7.12
C ASP B 6 14.43 7.33 -7.52
N ILE B 13 18.36 8.47 -6.80
CA ILE B 13 18.95 9.59 -6.07
C ILE B 13 18.52 9.54 -4.60
N THR B 14 19.34 10.08 -3.71
CA THR B 14 19.07 10.07 -2.28
C THR B 14 19.37 11.45 -1.70
N GLU B 15 19.02 11.63 -0.42
CA GLU B 15 19.18 12.91 0.24
C GLU B 15 19.15 12.73 1.75
N GLU B 16 19.65 13.74 2.47
CA GLU B 16 19.65 13.78 3.92
C GLU B 16 18.53 14.70 4.42
N CYS B 17 17.77 14.21 5.39
CA CYS B 17 16.55 14.90 5.85
C CYS B 17 16.85 16.07 6.78
N ALA B 18 15.90 17.01 6.81
CA ALA B 18 15.95 18.17 7.70
C ALA B 18 16.02 17.73 9.17
N ALA B 19 16.26 18.72 10.04
CA ALA B 19 16.59 18.46 11.44
C ALA B 19 15.55 17.56 12.12
N GLY B 20 14.27 17.89 11.97
CA GLY B 20 13.23 17.16 12.64
C GLY B 20 12.62 16.00 11.87
N GLN B 21 13.19 15.63 10.73
CA GLN B 21 12.60 14.61 9.87
C GLN B 21 13.28 13.26 10.13
N LYS B 22 12.56 12.34 10.78
CA LYS B 22 13.07 11.05 11.18
C LYS B 22 12.35 9.90 10.50
N ILE B 23 11.69 10.14 9.36
CA ILE B 23 10.94 9.11 8.64
C ILE B 23 11.20 9.24 7.14
N CYS B 24 11.36 8.10 6.48
CA CYS B 24 11.28 7.97 5.02
C CYS B 24 9.91 7.40 4.66
N PHE B 25 9.40 7.76 3.48
CA PHE B 25 8.07 7.30 3.05
C PHE B 25 8.10 6.80 1.63
N LYS B 26 7.16 5.89 1.34
CA LYS B 26 6.74 5.52 -0.01
C LYS B 26 5.24 5.78 -0.13
N ASN B 27 4.82 6.38 -1.24
CA ASN B 27 3.42 6.74 -1.42
C ASN B 27 2.94 6.30 -2.80
N TRP B 28 1.98 5.38 -2.83
CA TRP B 28 1.41 4.86 -4.07
C TRP B 28 0.28 5.78 -4.52
N LYS B 29 0.51 6.51 -5.61
CA LYS B 29 -0.52 7.36 -6.21
C LYS B 29 -0.98 6.72 -7.51
N LYS B 30 -2.29 6.60 -7.67
CA LYS B 30 -2.84 5.83 -8.76
C LYS B 30 -2.88 6.67 -10.03
N MET B 31 -2.35 6.13 -11.13
CA MET B 31 -2.44 6.76 -12.43
C MET B 31 -3.48 6.08 -13.32
N GLY B 32 -3.74 4.80 -13.08
CA GLY B 32 -4.72 4.05 -13.81
C GLY B 32 -4.74 2.63 -13.28
N PRO B 33 -5.56 1.76 -13.87
CA PRO B 33 -5.59 0.35 -13.42
C PRO B 33 -4.20 -0.27 -13.46
N LYS B 34 -3.78 -0.78 -12.31
CA LYS B 34 -2.49 -1.45 -12.08
C LYS B 34 -1.30 -0.51 -12.20
N LEU B 35 -1.52 0.78 -12.39
CA LEU B 35 -0.45 1.73 -12.67
C LEU B 35 -0.39 2.76 -11.54
N TYR B 36 0.72 2.75 -10.79
CA TYR B 36 0.87 3.59 -9.61
C TYR B 36 2.20 4.33 -9.68
N ASP B 37 2.19 5.63 -9.38
CA ASP B 37 3.40 6.43 -9.26
C ASP B 37 3.81 6.46 -7.80
N VAL B 38 5.01 5.96 -7.51
CA VAL B 38 5.50 5.79 -6.13
C VAL B 38 6.39 6.97 -5.77
N LYS B 39 5.92 7.79 -4.85
CA LYS B 39 6.72 8.90 -4.33
C LYS B 39 7.55 8.46 -3.13
N ARG B 40 8.78 8.96 -3.07
CA ARG B 40 9.74 8.62 -2.01
C ARG B 40 10.44 9.88 -1.56
N GLY B 41 10.72 9.98 -0.26
CA GLY B 41 11.49 11.09 0.24
C GLY B 41 11.49 11.14 1.76
N CYS B 42 12.05 12.23 2.27
CA CYS B 42 12.06 12.54 3.70
C CYS B 42 10.74 13.18 4.12
N THR B 43 10.45 13.10 5.42
CA THR B 43 9.29 13.76 6.01
C THR B 43 9.45 13.73 7.53
N ALA B 44 8.68 14.59 8.19
CA ALA B 44 8.60 14.63 9.65
C ALA B 44 7.38 13.90 10.19
N THR B 45 6.29 13.88 9.44
CA THR B 45 5.08 13.16 9.78
C THR B 45 4.73 12.24 8.63
N CYS B 46 4.33 11.00 8.94
CA CYS B 46 4.02 10.06 7.89
C CYS B 46 2.82 10.58 7.10
N PRO B 47 2.88 10.59 5.77
CA PRO B 47 1.80 11.19 4.99
C PRO B 47 0.54 10.34 5.01
N LYS B 48 -0.59 11.02 4.88
CA LYS B 48 -1.88 10.35 4.74
C LYS B 48 -2.00 9.74 3.35
N ALA B 49 -2.59 8.56 3.28
CA ALA B 49 -2.71 7.86 2.01
C ALA B 49 -4.02 8.23 1.32
N ASP B 50 -3.99 8.24 0.00
CA ASP B 50 -5.21 8.39 -0.79
C ASP B 50 -6.14 7.21 -0.54
N ASP B 51 -7.44 7.44 -0.72
CA ASP B 51 -8.42 6.37 -0.55
C ASP B 51 -8.09 5.17 -1.44
N ASN B 52 -7.59 5.41 -2.66
CA ASN B 52 -7.25 4.34 -3.57
C ASN B 52 -5.75 4.03 -3.59
N GLY B 53 -5.02 4.48 -2.56
CA GLY B 53 -3.59 4.30 -2.49
C GLY B 53 -3.09 3.53 -1.28
N CYS B 54 -1.80 3.68 -0.97
CA CYS B 54 -1.16 3.00 0.15
C CYS B 54 0.13 3.74 0.47
N VAL B 55 0.53 3.71 1.74
CA VAL B 55 1.73 4.39 2.20
C VAL B 55 2.50 3.45 3.11
N LYS B 56 3.83 3.49 3.00
CA LYS B 56 4.71 2.80 3.92
C LYS B 56 5.72 3.78 4.50
N CYS B 57 5.90 3.74 5.81
CA CYS B 57 6.80 4.63 6.52
C CYS B 57 7.76 3.85 7.39
N CYS B 58 9.03 4.27 7.40
CA CYS B 58 10.08 3.55 8.09
C CYS B 58 11.10 4.58 8.57
N ASN B 59 12.01 4.18 9.46
CA ASN B 59 12.93 5.16 10.05
C ASN B 59 14.36 4.63 10.22
N THR B 60 14.90 3.97 9.19
CA THR B 60 16.33 3.70 9.07
C THR B 60 16.78 4.10 7.67
N ASP B 61 18.10 4.11 7.48
CA ASP B 61 18.70 4.73 6.30
C ASP B 61 18.17 4.11 5.02
N LYS B 62 17.44 4.90 4.24
CA LYS B 62 16.88 4.47 2.97
C LYS B 62 16.16 3.13 3.08
N CYS B 63 15.53 2.89 4.23
CA CYS B 63 14.53 1.84 4.39
C CYS B 63 13.51 1.82 3.24
N ASN B 64 13.25 2.98 2.64
CA ASN B 64 12.15 3.12 1.69
C ASN B 64 12.55 2.84 0.25
N LYS B 65 13.45 1.89 0.01
CA LYS B 65 13.86 1.55 -1.37
C LYS B 65 12.67 1.18 -2.26
#